data_2FU7
#
_entry.id   2FU7
#
_cell.length_a   105.350
_cell.length_b   105.350
_cell.length_c   196.280
_cell.angle_alpha   90.00
_cell.angle_beta   90.00
_cell.angle_gamma   120.00
#
_symmetry.space_group_name_H-M   'P 65 2 2'
#
loop_
_entity.id
_entity.type
_entity.pdbx_description
1 polymer 'Metallo-beta-lactamase L1'
2 non-polymer 'COPPER (II) ION'
3 non-polymer 'SULFATE ION'
4 non-polymer 1,10-PHENANTHROLINE
5 non-polymer GLYCEROL
6 water water
#
_entity_poly.entity_id   1
_entity_poly.type   'polypeptide(L)'
_entity_poly.pdbx_seq_one_letter_code
;AEVPLPQLRAYTVDASWLQPMAPLQIADHTWQIGTEDLTALLVQTPDGAVLLDGGMPQMASHLLDNMKARGVTPRDLRLI
LLSHAHADHAGPVAELKRRTGAKVAANAESAVLLARGGSDDLHFGDGITYPPANADRIVMDGEVITVGGIVFTAHFMAGH
TPGSTAWTWTDTRNGKPVRIAYADSLSAPGYQLQGNPRYPHLIEDYRRSFATVRALPCDVLLTPHPGASNWDYAAGARAG
AKALTCKAYADAAEQKFDGQLAKETAGAR
;
_entity_poly.pdbx_strand_id   A,B
#
loop_
_chem_comp.id
_chem_comp.type
_chem_comp.name
_chem_comp.formula
CU non-polymer 'COPPER (II) ION' 'Cu 2'
GOL non-polymer GLYCEROL 'C3 H8 O3'
PHN non-polymer 1,10-PHENANTHROLINE 'C12 H8 N2'
SO4 non-polymer 'SULFATE ION' 'O4 S -2'
#
# COMPACT_ATOMS: atom_id res chain seq x y z
N GLU A 2 4.90 17.00 43.37
CA GLU A 2 5.45 16.10 42.29
C GLU A 2 4.31 15.49 41.46
N VAL A 3 4.61 15.21 40.20
CA VAL A 3 3.59 15.26 39.16
C VAL A 3 3.59 13.97 38.38
N PRO A 4 2.47 13.26 38.37
CA PRO A 4 2.42 12.02 37.61
C PRO A 4 2.31 12.30 36.12
N LEU A 5 2.65 11.30 35.31
CA LEU A 5 2.41 11.37 33.87
C LEU A 5 0.91 11.54 33.68
N PRO A 6 0.50 12.14 32.57
CA PRO A 6 -0.93 12.34 32.30
C PRO A 6 -1.67 11.01 32.10
N GLN A 7 -2.96 10.98 32.48
CA GLN A 7 -3.86 9.88 32.15
C GLN A 7 -4.01 9.81 30.65
N LEU A 8 -4.24 8.60 30.12
CA LEU A 8 -4.64 8.48 28.72
C LEU A 8 -5.90 9.30 28.48
N ARG A 9 -5.96 9.94 27.32
CA ARG A 9 -7.17 10.68 26.91
C ARG A 9 -7.93 9.88 25.85
N ALA A 10 -9.22 9.72 26.09
CA ALA A 10 -10.10 9.05 25.13
C ALA A 10 -10.36 9.93 23.90
N TYR A 11 -10.64 9.28 22.78
CA TYR A 11 -11.00 9.99 21.58
C TYR A 11 -12.49 10.34 21.73
N THR A 12 -12.75 11.59 22.12
CA THR A 12 -14.11 12.10 22.28
C THR A 12 -14.48 12.94 21.06
N VAL A 13 -15.77 12.97 20.75
CA VAL A 13 -16.31 13.58 19.52
C VAL A 13 -17.63 14.33 19.82
N ASP A 14 -18.04 15.19 18.90
CA ASP A 14 -19.30 15.90 19.02
C ASP A 14 -20.39 14.89 19.25
N ALA A 15 -21.39 15.26 20.03
CA ALA A 15 -22.51 14.36 20.32
C ALA A 15 -23.23 13.87 19.05
N SER A 16 -23.36 14.71 18.03
CA SER A 16 -24.08 14.33 16.82
C SER A 16 -23.44 13.15 16.09
N TRP A 17 -22.12 13.02 16.24
CA TRP A 17 -21.39 11.89 15.67
C TRP A 17 -21.81 10.56 16.28
N LEU A 18 -22.39 10.65 17.49
CA LEU A 18 -22.78 9.47 18.27
C LEU A 18 -24.29 9.35 18.46
N GLN A 19 -25.06 10.17 17.74
CA GLN A 19 -26.49 10.24 17.92
C GLN A 19 -27.15 9.20 17.02
N PRO A 20 -27.73 8.14 17.56
CA PRO A 20 -28.34 7.14 16.69
C PRO A 20 -29.49 7.68 15.83
N MET A 21 -29.63 7.09 14.64
CA MET A 21 -30.76 7.32 13.74
C MET A 21 -31.30 6.00 13.21
N ALA A 22 -32.58 5.98 12.88
CA ALA A 22 -33.16 4.87 12.16
C ALA A 22 -32.65 4.81 10.72
N PRO A 23 -32.75 3.67 10.05
CA PRO A 23 -32.27 3.59 8.67
C PRO A 23 -32.93 4.62 7.75
N LEU A 24 -32.12 5.27 6.92
CA LEU A 24 -32.57 6.26 5.94
C LEU A 24 -32.24 5.72 4.58
N GLN A 25 -33.25 5.54 3.73
CA GLN A 25 -33.04 4.97 2.42
C GLN A 25 -32.45 6.01 1.48
N ILE A 26 -31.36 5.65 0.79
CA ILE A 26 -30.71 6.49 -0.23
C ILE A 26 -31.16 6.10 -1.63
N ALA A 27 -31.20 4.81 -1.88
CA ALA A 27 -31.73 4.27 -3.14
C ALA A 27 -32.29 2.88 -2.88
N ASP A 28 -32.65 2.14 -3.92
CA ASP A 28 -33.45 0.94 -3.73
C ASP A 28 -32.85 -0.07 -2.75
N HIS A 29 -31.53 -0.26 -2.83
CA HIS A 29 -30.79 -1.18 -2.00
C HIS A 29 -29.87 -0.56 -0.94
N THR A 30 -29.71 0.76 -0.96
CA THR A 30 -28.72 1.46 -0.17
C THR A 30 -29.33 2.30 0.95
N TRP A 31 -28.87 2.08 2.19
CA TRP A 31 -29.41 2.76 3.35
C TRP A 31 -28.30 3.32 4.24
N GLN A 32 -28.51 4.51 4.77
CA GLN A 32 -27.65 5.03 5.83
C GLN A 32 -28.13 4.47 7.17
N ILE A 33 -27.23 3.79 7.88
CA ILE A 33 -27.62 3.11 9.12
C ILE A 33 -26.77 3.48 10.34
N GLY A 34 -25.94 4.51 10.16
CA GLY A 34 -25.03 5.01 11.18
C GLY A 34 -25.69 5.98 12.12
N THR A 35 -24.98 7.07 12.41
CA THR A 35 -25.54 8.07 13.26
C THR A 35 -25.98 9.26 12.41
N GLU A 36 -26.29 10.45 13.20
CA GLU A 36 -26.67 11.66 12.47
C GLU A 36 -25.48 12.25 11.70
N ASP A 37 -24.29 12.15 12.29
CA ASP A 37 -23.11 12.76 11.69
C ASP A 37 -21.96 11.81 11.35
N LEU A 38 -22.22 10.49 11.28
CA LEU A 38 -21.26 9.56 10.68
C LEU A 38 -22.00 8.55 9.82
N THR A 39 -21.52 8.42 8.59
CA THR A 39 -22.06 7.54 7.60
C THR A 39 -21.69 6.09 7.87
N ALA A 40 -22.66 5.21 7.71
CA ALA A 40 -22.41 3.78 7.64
C ALA A 40 -23.43 3.26 6.68
N LEU A 41 -22.98 2.84 5.50
CA LEU A 41 -23.90 2.44 4.44
C LEU A 41 -24.11 0.93 4.35
N LEU A 42 -25.37 0.53 4.38
CA LEU A 42 -25.77 -0.84 4.20
C LEU A 42 -26.31 -0.98 2.79
N VAL A 43 -25.69 -1.85 2.01
CA VAL A 43 -26.21 -2.23 0.73
C VAL A 43 -26.71 -3.67 0.79
N GLN A 44 -28.02 -3.82 0.62
CA GLN A 44 -28.66 -5.15 0.71
C GLN A 44 -28.74 -5.74 -0.67
N THR A 45 -28.36 -7.02 -0.81
CA THR A 45 -28.41 -7.73 -2.10
C THR A 45 -29.14 -9.05 -1.84
N PRO A 46 -29.58 -9.75 -2.89
CA PRO A 46 -30.19 -11.06 -2.71
C PRO A 46 -29.26 -12.10 -2.05
N ASP A 47 -27.95 -11.89 -2.17
CA ASP A 47 -26.91 -12.79 -1.72
C ASP A 47 -26.15 -12.27 -0.48
N GLY A 48 -26.81 -11.48 0.37
CA GLY A 48 -26.17 -10.91 1.56
C GLY A 48 -25.91 -9.40 1.47
N ALA A 49 -25.47 -8.83 2.56
CA ALA A 49 -25.36 -7.39 2.65
C ALA A 49 -23.87 -6.94 2.74
N VAL A 50 -23.66 -5.72 2.28
CA VAL A 50 -22.37 -5.03 2.32
C VAL A 50 -22.49 -3.83 3.26
N LEU A 51 -21.47 -3.61 4.08
CA LEU A 51 -21.41 -2.41 4.91
C LEU A 51 -20.22 -1.61 4.45
N LEU A 52 -20.42 -0.30 4.19
CA LEU A 52 -19.33 0.62 3.85
C LEU A 52 -19.18 1.59 5.01
N ASP A 53 -18.15 1.34 5.80
CA ASP A 53 -17.88 2.06 7.07
C ASP A 53 -18.80 1.64 8.22
N GLY A 54 -18.30 1.76 9.45
CA GLY A 54 -19.06 1.55 10.65
C GLY A 54 -19.07 2.70 11.62
N GLY A 55 -18.33 3.76 11.36
CA GLY A 55 -18.30 4.88 12.27
C GLY A 55 -17.36 4.61 13.44
N MET A 56 -17.82 4.99 14.63
CA MET A 56 -17.01 4.93 15.85
C MET A 56 -17.06 3.55 16.49
N PRO A 57 -15.95 3.19 17.44
CA PRO A 57 -15.91 1.83 18.01
C PRO A 57 -17.20 1.44 18.72
N GLN A 58 -17.87 2.40 19.35
CA GLN A 58 -19.03 2.08 20.19
C GLN A 58 -20.35 1.96 19.40
N MET A 59 -20.30 2.08 18.06
CA MET A 59 -21.49 1.97 17.23
C MET A 59 -21.88 0.54 16.79
N ALA A 60 -21.13 -0.49 17.20
CA ALA A 60 -21.36 -1.83 16.65
C ALA A 60 -22.78 -2.37 16.91
N SER A 61 -23.27 -2.23 18.15
CA SER A 61 -24.57 -2.80 18.51
C SER A 61 -25.69 -2.04 17.78
N HIS A 62 -25.54 -0.72 17.66
CA HIS A 62 -26.47 0.12 16.93
C HIS A 62 -26.55 -0.28 15.45
N LEU A 63 -25.39 -0.53 14.82
CA LEU A 63 -25.36 -0.97 13.45
C LEU A 63 -26.06 -2.30 13.27
N LEU A 64 -25.79 -3.27 14.16
CA LEU A 64 -26.49 -4.54 14.09
C LEU A 64 -28.01 -4.41 14.35
N ASP A 65 -28.41 -3.51 15.24
CA ASP A 65 -29.84 -3.24 15.48
C ASP A 65 -30.50 -2.68 14.21
N ASN A 66 -29.82 -1.74 13.55
CA ASN A 66 -30.30 -1.23 12.27
C ASN A 66 -30.32 -2.28 11.19
N MET A 67 -29.32 -3.15 11.14
CA MET A 67 -29.34 -4.22 10.18
C MET A 67 -30.56 -5.14 10.43
N LYS A 68 -30.87 -5.41 11.70
CA LYS A 68 -31.99 -6.28 12.03
C LYS A 68 -33.30 -5.64 11.60
N ALA A 69 -33.43 -4.34 11.83
CA ALA A 69 -34.60 -3.59 11.40
C ALA A 69 -34.77 -3.68 9.88
N ARG A 70 -33.69 -3.84 9.14
CA ARG A 70 -33.73 -4.00 7.68
C ARG A 70 -33.85 -5.46 7.22
N GLY A 71 -33.90 -6.42 8.14
CA GLY A 71 -33.99 -7.83 7.79
C GLY A 71 -32.66 -8.51 7.51
N VAL A 72 -31.57 -7.89 7.95
CA VAL A 72 -30.22 -8.41 7.76
C VAL A 72 -29.78 -8.95 9.14
N THR A 73 -29.68 -10.26 9.25
CA THR A 73 -29.13 -10.86 10.46
C THR A 73 -27.61 -10.79 10.40
N PRO A 74 -26.94 -11.02 11.53
CA PRO A 74 -25.47 -11.12 11.54
C PRO A 74 -24.82 -12.03 10.47
N ARG A 75 -25.41 -13.19 10.24
CA ARG A 75 -24.93 -14.11 9.23
C ARG A 75 -25.09 -13.56 7.80
N ASP A 76 -26.02 -12.64 7.60
CA ASP A 76 -26.27 -12.06 6.27
C ASP A 76 -25.20 -11.02 5.88
N LEU A 77 -24.54 -10.41 6.86
CA LEU A 77 -23.51 -9.42 6.53
C LEU A 77 -22.31 -10.15 5.97
N ARG A 78 -21.98 -9.89 4.72
CA ARG A 78 -20.96 -10.62 4.00
C ARG A 78 -19.63 -9.88 3.86
N LEU A 79 -19.69 -8.59 3.64
CA LEU A 79 -18.51 -7.80 3.26
C LEU A 79 -18.54 -6.45 3.98
N ILE A 80 -17.38 -5.99 4.41
CA ILE A 80 -17.18 -4.65 4.95
C ILE A 80 -16.12 -3.98 4.07
N LEU A 81 -16.47 -2.80 3.55
CA LEU A 81 -15.57 -1.89 2.85
C LEU A 81 -15.37 -0.62 3.66
N LEU A 82 -14.27 0.09 3.40
CA LEU A 82 -13.94 1.26 4.21
C LEU A 82 -13.51 2.41 3.33
N SER A 83 -13.95 3.59 3.71
CA SER A 83 -13.43 4.80 3.10
C SER A 83 -11.95 5.01 3.52
N HIS A 84 -11.70 5.04 4.83
CA HIS A 84 -10.35 5.10 5.40
C HIS A 84 -10.33 4.54 6.81
N ALA A 85 -9.15 4.08 7.24
CA ALA A 85 -9.04 3.28 8.49
C ALA A 85 -8.72 4.13 9.71
N HIS A 86 -9.47 5.22 9.88
CA HIS A 86 -9.47 5.96 11.12
C HIS A 86 -10.55 5.45 12.05
N ALA A 87 -10.37 5.76 13.34
CA ALA A 87 -11.26 5.30 14.42
C ALA A 87 -12.72 5.77 14.25
N ASP A 88 -12.92 6.95 13.66
CA ASP A 88 -14.28 7.42 13.42
C ASP A 88 -14.98 6.80 12.19
N HIS A 89 -14.32 5.93 11.42
CA HIS A 89 -14.99 5.21 10.32
C HIS A 89 -14.83 3.71 10.38
N ALA A 90 -13.68 3.24 10.86
CA ALA A 90 -13.38 1.83 10.98
C ALA A 90 -13.43 1.31 12.41
N GLY A 91 -13.85 2.18 13.34
CA GLY A 91 -13.90 1.87 14.76
C GLY A 91 -14.42 0.52 15.21
N PRO A 92 -15.62 0.14 14.77
CA PRO A 92 -16.25 -1.11 15.20
C PRO A 92 -15.93 -2.31 14.31
N VAL A 93 -14.97 -2.23 13.40
CA VAL A 93 -14.82 -3.28 12.41
C VAL A 93 -14.44 -4.63 13.05
N ALA A 94 -13.47 -4.61 13.97
CA ALA A 94 -13.04 -5.84 14.65
C ALA A 94 -14.24 -6.56 15.30
N GLU A 95 -15.06 -5.77 15.99
CA GLU A 95 -16.21 -6.30 16.72
C GLU A 95 -17.27 -6.84 15.74
N LEU A 96 -17.50 -6.10 14.66
CA LEU A 96 -18.40 -6.58 13.60
C LEU A 96 -17.94 -7.90 13.01
N LYS A 97 -16.63 -8.06 12.80
CA LYS A 97 -16.13 -9.34 12.26
C LYS A 97 -16.40 -10.50 13.23
N ARG A 98 -16.20 -10.24 14.51
CA ARG A 98 -16.45 -11.27 15.52
C ARG A 98 -17.92 -11.64 15.61
N ARG A 99 -18.81 -10.67 15.46
CA ARG A 99 -20.23 -10.87 15.72
C ARG A 99 -21.04 -11.25 14.47
N THR A 100 -20.38 -11.25 13.30
CA THR A 100 -21.06 -11.48 12.00
C THR A 100 -20.29 -12.39 11.07
N GLY A 101 -20.94 -12.73 9.96
CA GLY A 101 -20.26 -13.36 8.84
C GLY A 101 -19.18 -12.53 8.08
N ALA A 102 -19.04 -11.23 8.37
CA ALA A 102 -18.40 -10.31 7.44
C ALA A 102 -16.91 -10.50 7.31
N LYS A 103 -16.44 -10.39 6.07
CA LYS A 103 -15.03 -10.30 5.77
C LYS A 103 -14.72 -8.88 5.25
N VAL A 104 -13.49 -8.41 5.44
CA VAL A 104 -13.08 -7.07 5.05
C VAL A 104 -12.27 -7.10 3.78
N ALA A 105 -12.57 -6.20 2.86
CA ALA A 105 -11.75 -5.95 1.67
C ALA A 105 -11.25 -4.52 1.73
N ALA A 106 -9.93 -4.35 1.51
CA ALA A 106 -9.29 -3.06 1.57
C ALA A 106 -7.95 -3.08 0.81
N ASN A 107 -7.49 -1.88 0.48
CA ASN A 107 -6.19 -1.74 -0.19
C ASN A 107 -5.10 -1.97 0.86
N ALA A 108 -3.87 -2.10 0.39
CA ALA A 108 -2.75 -2.43 1.26
C ALA A 108 -2.53 -1.38 2.33
N GLU A 109 -2.52 -0.12 1.95
CA GLU A 109 -2.44 0.94 2.95
C GLU A 109 -3.50 0.88 4.07
N SER A 110 -4.78 0.72 3.69
CA SER A 110 -5.84 0.69 4.67
C SER A 110 -5.71 -0.58 5.53
N ALA A 111 -5.29 -1.69 4.92
CA ALA A 111 -5.14 -2.97 5.66
C ALA A 111 -4.06 -2.90 6.74
N VAL A 112 -2.95 -2.23 6.43
CA VAL A 112 -1.82 -2.10 7.33
C VAL A 112 -2.24 -1.18 8.47
N LEU A 113 -2.99 -0.11 8.18
CA LEU A 113 -3.41 0.82 9.23
C LEU A 113 -4.48 0.18 10.15
N LEU A 114 -5.41 -0.53 9.53
CA LEU A 114 -6.44 -1.26 10.28
C LEU A 114 -5.80 -2.31 11.21
N ALA A 115 -4.75 -2.96 10.73
CA ALA A 115 -4.11 -4.05 11.50
C ALA A 115 -3.37 -3.49 12.71
N ARG A 116 -3.04 -2.20 12.71
CA ARG A 116 -2.43 -1.61 13.90
C ARG A 116 -3.38 -0.74 14.71
N GLY A 117 -4.66 -0.86 14.39
CA GLY A 117 -5.69 -0.19 15.13
C GLY A 117 -5.57 1.29 15.07
N GLY A 118 -4.98 1.79 13.98
CA GLY A 118 -4.84 3.19 13.73
C GLY A 118 -3.74 3.82 14.56
N SER A 119 -2.92 2.99 15.23
CA SER A 119 -1.78 3.53 16.00
C SER A 119 -0.65 3.89 15.04
N ASP A 120 0.37 4.63 15.49
CA ASP A 120 1.44 5.17 14.63
C ASP A 120 0.85 5.82 13.36
N ASP A 121 -0.17 6.63 13.53
CA ASP A 121 -0.78 7.37 12.42
C ASP A 121 0.22 8.38 11.91
N LEU A 122 0.24 8.62 10.61
CA LEU A 122 1.26 9.54 10.08
C LEU A 122 1.20 10.91 10.74
N HIS A 123 -0.01 11.33 11.11
CA HIS A 123 -0.26 12.67 11.61
C HIS A 123 -0.72 12.70 13.07
N PHE A 124 -1.49 11.71 13.52
CA PHE A 124 -2.11 11.74 14.85
C PHE A 124 -1.29 10.95 15.88
N GLY A 125 -0.22 10.29 15.44
CA GLY A 125 0.58 9.40 16.26
C GLY A 125 -0.24 8.23 16.78
N ASP A 126 -0.51 8.19 18.37
CA ASP A 126 -1.31 7.17 19.01
C ASP A 126 -2.53 7.81 19.62
N GLY A 127 -2.88 9.00 19.18
CA GLY A 127 -3.99 9.73 19.78
C GLY A 127 -5.38 9.25 19.44
N ILE A 128 -5.52 8.53 18.34
CA ILE A 128 -6.84 8.15 17.83
C ILE A 128 -6.68 6.72 17.36
N THR A 129 -6.89 5.79 18.29
CA THR A 129 -6.76 4.36 18.05
C THR A 129 -8.07 3.62 18.31
N TYR A 130 -8.09 2.36 17.93
CA TYR A 130 -9.30 1.55 18.01
C TYR A 130 -8.86 0.09 17.89
N PRO A 131 -9.75 -0.87 18.17
CA PRO A 131 -9.37 -2.28 18.06
C PRO A 131 -8.88 -2.68 16.68
N PRO A 132 -7.71 -3.32 16.60
CA PRO A 132 -7.18 -3.73 15.30
C PRO A 132 -8.05 -4.80 14.61
N ALA A 133 -8.09 -4.97 13.30
CA ALA A 133 -8.73 -5.98 12.50
C ALA A 133 -7.86 -6.30 11.31
N ASN A 134 -8.04 -7.50 10.77
CA ASN A 134 -7.32 -7.93 9.59
C ASN A 134 -8.24 -7.90 8.39
N ALA A 135 -7.64 -7.61 7.23
CA ALA A 135 -8.32 -7.65 5.93
C ALA A 135 -8.24 -9.05 5.40
N ASP A 136 -9.34 -9.49 4.83
CA ASP A 136 -9.44 -10.80 4.20
C ASP A 136 -9.07 -10.79 2.72
N ARG A 137 -9.19 -9.63 2.12
CA ARG A 137 -8.87 -9.48 0.71
C ARG A 137 -8.22 -8.10 0.51
N ILE A 138 -7.13 -8.07 -0.25
CA ILE A 138 -6.47 -6.83 -0.68
C ILE A 138 -6.90 -6.46 -2.12
N VAL A 139 -7.39 -5.23 -2.29
CA VAL A 139 -7.79 -4.74 -3.59
C VAL A 139 -6.81 -3.71 -4.15
N MET A 140 -6.72 -3.68 -5.48
CA MET A 140 -5.89 -2.73 -6.24
C MET A 140 -6.79 -1.64 -6.81
N ASP A 141 -6.17 -0.54 -7.25
CA ASP A 141 -6.88 0.62 -7.72
C ASP A 141 -7.67 0.21 -8.97
N GLY A 142 -8.97 0.54 -8.97
CA GLY A 142 -9.85 0.17 -10.07
C GLY A 142 -10.41 -1.25 -10.03
N GLU A 143 -10.04 -2.01 -9.00
CA GLU A 143 -10.57 -3.38 -8.87
C GLU A 143 -12.04 -3.36 -8.46
N VAL A 144 -12.79 -4.34 -8.93
CA VAL A 144 -14.20 -4.45 -8.62
C VAL A 144 -14.46 -5.65 -7.69
N ILE A 145 -15.48 -5.48 -6.85
CA ILE A 145 -16.00 -6.58 -6.04
C ILE A 145 -17.47 -6.66 -6.25
N THR A 146 -17.95 -7.88 -6.42
CA THR A 146 -19.34 -8.15 -6.79
C THR A 146 -20.06 -8.92 -5.69
N VAL A 147 -21.18 -8.37 -5.18
CA VAL A 147 -21.99 -9.10 -4.21
C VAL A 147 -23.46 -9.03 -4.66
N GLY A 148 -24.09 -10.19 -4.79
CA GLY A 148 -25.47 -10.29 -5.28
C GLY A 148 -25.77 -9.52 -6.55
N GLY A 149 -24.82 -9.49 -7.46
CA GLY A 149 -24.99 -8.78 -8.72
C GLY A 149 -24.65 -7.30 -8.69
N ILE A 150 -24.46 -6.74 -7.50
CA ILE A 150 -24.09 -5.35 -7.33
C ILE A 150 -22.59 -5.21 -7.30
N VAL A 151 -22.05 -4.40 -8.23
CA VAL A 151 -20.63 -4.27 -8.45
C VAL A 151 -20.08 -3.00 -7.80
N PHE A 152 -19.07 -3.15 -6.93
CA PHE A 152 -18.45 -2.02 -6.22
C PHE A 152 -17.07 -1.79 -6.82
N THR A 153 -16.75 -0.55 -7.20
CA THR A 153 -15.44 -0.24 -7.75
C THR A 153 -14.63 0.61 -6.81
N ALA A 154 -13.36 0.25 -6.62
CA ALA A 154 -12.46 1.03 -5.76
C ALA A 154 -11.71 2.07 -6.59
N HIS A 155 -11.73 3.32 -6.13
CA HIS A 155 -10.91 4.40 -6.70
C HIS A 155 -10.02 4.98 -5.60
N PHE A 156 -8.71 4.74 -5.68
CA PHE A 156 -7.81 5.28 -4.66
C PHE A 156 -7.75 6.78 -4.77
N MET A 157 -7.75 7.47 -3.56
CA MET A 157 -7.70 8.93 -3.41
C MET A 157 -6.93 9.29 -2.17
N ALA A 158 -5.65 8.85 -2.21
CA ALA A 158 -4.66 9.05 -1.18
C ALA A 158 -4.57 10.51 -0.79
N GLY A 159 -4.46 10.72 0.51
CA GLY A 159 -4.32 12.05 1.06
C GLY A 159 -4.66 12.07 2.53
N HIS A 160 -5.96 12.14 2.81
CA HIS A 160 -6.42 12.12 4.17
C HIS A 160 -5.75 10.98 4.96
N THR A 161 -5.72 9.81 4.34
CA THR A 161 -4.78 8.75 4.69
C THR A 161 -4.20 8.22 3.41
N PRO A 162 -3.04 7.55 3.47
CA PRO A 162 -2.49 6.89 2.27
C PRO A 162 -3.47 5.95 1.57
N GLY A 163 -4.27 5.21 2.33
CA GLY A 163 -5.20 4.24 1.74
C GLY A 163 -6.61 4.71 1.48
N SER A 164 -6.84 6.02 1.60
CA SER A 164 -8.15 6.60 1.36
C SER A 164 -8.71 6.18 0.01
N THR A 165 -9.98 5.81 0.02
CA THR A 165 -10.63 5.20 -1.15
C THR A 165 -12.05 5.74 -1.35
N ALA A 166 -12.44 5.94 -2.61
CA ALA A 166 -13.83 6.21 -2.98
C ALA A 166 -14.38 4.90 -3.51
N TRP A 167 -15.59 4.57 -3.11
CA TRP A 167 -16.25 3.36 -3.63
C TRP A 167 -17.44 3.81 -4.47
N THR A 168 -17.63 3.22 -5.63
CA THR A 168 -18.75 3.53 -6.51
C THR A 168 -19.54 2.26 -6.88
N TRP A 169 -20.85 2.43 -7.02
CA TRP A 169 -21.72 1.34 -7.40
C TRP A 169 -23.00 1.91 -7.99
N THR A 170 -23.70 1.13 -8.79
CA THR A 170 -24.92 1.59 -9.39
C THR A 170 -26.10 0.83 -8.76
N ASP A 171 -26.92 1.58 -8.03
CA ASP A 171 -28.19 1.12 -7.47
C ASP A 171 -29.27 1.61 -8.43
N THR A 172 -30.54 1.50 -8.03
CA THR A 172 -31.68 2.00 -8.80
C THR A 172 -32.61 2.82 -7.94
N ARG A 173 -33.41 3.62 -8.63
CA ARG A 173 -34.51 4.34 -8.03
C ARG A 173 -35.49 4.62 -9.17
N ASN A 174 -36.74 4.18 -9.03
CA ASN A 174 -37.79 4.53 -10.01
C ASN A 174 -37.48 3.94 -11.39
N GLY A 175 -36.97 2.72 -11.39
CA GLY A 175 -36.60 1.99 -12.59
C GLY A 175 -35.40 2.55 -13.32
N LYS A 176 -34.70 3.50 -12.72
CA LYS A 176 -33.54 4.10 -13.36
C LYS A 176 -32.24 3.86 -12.55
N PRO A 177 -31.11 3.80 -13.22
CA PRO A 177 -29.83 3.64 -12.54
C PRO A 177 -29.49 4.91 -11.75
N VAL A 178 -28.88 4.72 -10.58
CA VAL A 178 -28.38 5.78 -9.75
C VAL A 178 -26.94 5.43 -9.40
N ARG A 179 -26.01 6.19 -9.97
CA ARG A 179 -24.58 5.94 -9.77
C ARG A 179 -24.19 6.66 -8.49
N ILE A 180 -24.03 5.87 -7.42
CA ILE A 180 -23.62 6.37 -6.13
C ILE A 180 -22.10 6.43 -6.00
N ALA A 181 -21.57 7.56 -5.55
CA ALA A 181 -20.16 7.74 -5.27
C ALA A 181 -19.97 8.03 -3.76
N TYR A 182 -19.40 7.06 -3.04
CA TYR A 182 -19.06 7.28 -1.64
C TYR A 182 -17.59 7.69 -1.62
N ALA A 183 -17.37 9.01 -1.52
CA ALA A 183 -16.03 9.61 -1.69
C ALA A 183 -15.48 9.90 -0.31
N ASP A 184 -14.21 9.58 -0.10
CA ASP A 184 -13.59 9.70 1.22
C ASP A 184 -13.37 11.18 1.52
N SER A 185 -13.07 11.47 2.79
CA SER A 185 -12.61 12.77 3.21
C SER A 185 -11.41 13.25 2.38
N LEU A 186 -11.38 14.55 2.13
CA LEU A 186 -10.32 15.26 1.43
C LEU A 186 -9.80 16.33 2.38
N SER A 187 -10.16 16.29 3.79
CA SER A 187 -9.64 17.21 4.76
C SER A 187 -8.20 16.84 5.13
N ALA A 188 -7.52 17.77 5.77
CA ALA A 188 -6.20 17.54 6.33
C ALA A 188 -6.09 18.18 7.74
N PRO A 189 -6.85 17.68 8.72
CA PRO A 189 -7.03 18.36 10.02
C PRO A 189 -5.78 18.35 10.89
N GLY A 190 -5.15 19.50 10.99
CA GLY A 190 -3.91 19.66 11.78
C GLY A 190 -2.67 19.08 11.14
N TYR A 191 -2.79 18.64 9.89
CA TYR A 191 -1.65 18.03 9.21
C TYR A 191 -0.61 19.07 8.83
N GLN A 192 0.65 18.70 8.99
CA GLN A 192 1.75 19.29 8.24
C GLN A 192 1.73 18.81 6.80
N LEU A 193 1.47 19.73 5.89
CA LEU A 193 1.33 19.42 4.48
C LEU A 193 2.64 19.44 3.71
N GLN A 194 3.43 20.48 3.95
CA GLN A 194 4.68 20.69 3.24
C GLN A 194 5.89 20.06 3.95
N GLY A 195 6.68 19.30 3.19
CA GLY A 195 7.94 18.76 3.68
C GLY A 195 7.76 17.79 4.87
N ASN A 196 6.66 17.06 4.87
CA ASN A 196 6.38 16.12 5.94
C ASN A 196 7.22 14.87 5.70
N PRO A 197 8.12 14.54 6.63
CA PRO A 197 9.04 13.43 6.43
C PRO A 197 8.29 12.08 6.36
N ARG A 198 7.17 11.95 7.07
CA ARG A 198 6.33 10.75 7.00
C ARG A 198 5.46 10.64 5.73
N TYR A 199 5.34 11.71 4.94
CA TYR A 199 4.47 11.69 3.75
C TYR A 199 4.99 12.70 2.73
N PRO A 200 6.14 12.43 2.13
CA PRO A 200 6.81 13.46 1.30
C PRO A 200 6.03 13.99 0.13
N HIS A 201 5.21 13.15 -0.50
CA HIS A 201 4.43 13.56 -1.67
C HIS A 201 2.97 13.79 -1.33
N LEU A 202 2.70 14.23 -0.10
CA LEU A 202 1.34 14.46 0.38
C LEU A 202 0.58 15.40 -0.55
N ILE A 203 1.21 16.52 -0.90
CA ILE A 203 0.51 17.55 -1.65
C ILE A 203 0.16 17.00 -3.04
N GLU A 204 1.08 16.29 -3.67
CA GLU A 204 0.83 15.76 -5.02
C GLU A 204 -0.29 14.74 -5.01
N ASP A 205 -0.33 13.95 -3.93
CA ASP A 205 -1.40 12.96 -3.78
C ASP A 205 -2.76 13.65 -3.60
N TYR A 206 -2.82 14.68 -2.76
CA TYR A 206 -4.09 15.39 -2.59
C TYR A 206 -4.56 15.96 -3.92
N ARG A 207 -3.64 16.53 -4.70
CA ARG A 207 -4.00 17.13 -6.00
C ARG A 207 -4.57 16.10 -6.96
N ARG A 208 -3.93 14.94 -7.04
CA ARG A 208 -4.42 13.84 -7.86
C ARG A 208 -5.78 13.32 -7.37
N SER A 209 -5.97 13.34 -6.05
CA SER A 209 -7.21 12.90 -5.40
C SER A 209 -8.35 13.87 -5.67
N PHE A 210 -8.11 15.19 -5.63
CA PHE A 210 -9.12 16.13 -6.08
C PHE A 210 -9.62 15.81 -7.52
N ALA A 211 -8.70 15.49 -8.42
CA ALA A 211 -9.01 15.20 -9.82
C ALA A 211 -9.80 13.88 -9.94
N THR A 212 -9.39 12.88 -9.16
CA THR A 212 -10.10 11.62 -9.13
C THR A 212 -11.55 11.82 -8.67
N VAL A 213 -11.76 12.58 -7.60
CA VAL A 213 -13.09 12.76 -7.05
C VAL A 213 -13.99 13.51 -8.04
N ARG A 214 -13.42 14.54 -8.66
CA ARG A 214 -14.11 15.33 -9.66
C ARG A 214 -14.69 14.49 -10.81
N ALA A 215 -13.94 13.46 -11.21
CA ALA A 215 -14.29 12.62 -12.37
C ALA A 215 -15.10 11.37 -12.07
N LEU A 216 -15.53 11.14 -10.82
CA LEU A 216 -16.22 9.90 -10.51
C LEU A 216 -17.59 9.86 -11.16
N PRO A 217 -18.07 8.67 -11.48
CA PRO A 217 -19.50 8.51 -11.82
C PRO A 217 -20.32 8.84 -10.58
N CYS A 218 -21.20 9.83 -10.66
CA CYS A 218 -21.65 10.50 -9.46
C CYS A 218 -23.02 11.14 -9.59
N ASP A 219 -24.08 10.35 -9.78
CA ASP A 219 -25.42 10.92 -9.67
C ASP A 219 -25.71 11.38 -8.24
N VAL A 220 -25.16 10.67 -7.26
CA VAL A 220 -25.35 11.00 -5.87
C VAL A 220 -24.02 10.79 -5.12
N LEU A 221 -23.52 11.87 -4.55
CA LEU A 221 -22.35 11.85 -3.67
C LEU A 221 -22.78 11.63 -2.23
N LEU A 222 -22.05 10.75 -1.52
CA LEU A 222 -22.09 10.66 -0.06
C LEU A 222 -20.66 10.67 0.47
N THR A 223 -20.50 11.11 1.72
CA THR A 223 -19.18 11.18 2.34
C THR A 223 -19.24 10.65 3.76
N PRO A 224 -18.09 10.19 4.26
CA PRO A 224 -18.03 9.62 5.59
C PRO A 224 -18.53 10.56 6.67
N HIS A 225 -18.16 11.83 6.57
CA HIS A 225 -18.78 12.91 7.32
C HIS A 225 -19.84 13.57 6.42
N PRO A 226 -21.13 13.36 6.69
CA PRO A 226 -22.18 13.81 5.75
C PRO A 226 -22.12 15.30 5.46
N GLY A 227 -21.70 16.08 6.43
CA GLY A 227 -21.57 17.52 6.30
C GLY A 227 -20.65 17.96 5.19
N ALA A 228 -19.58 17.20 4.96
CA ALA A 228 -18.66 17.49 3.88
C ALA A 228 -19.32 17.55 2.50
N SER A 229 -20.38 16.76 2.30
CA SER A 229 -21.12 16.76 1.03
C SER A 229 -22.50 17.43 1.14
N ASN A 230 -22.75 18.11 2.24
CA ASN A 230 -23.98 18.87 2.48
C ASN A 230 -25.23 18.01 2.64
N TRP A 231 -25.04 16.79 3.14
CA TRP A 231 -26.15 15.95 3.57
C TRP A 231 -26.57 16.35 4.99
N ASP A 232 -27.86 16.21 5.28
CA ASP A 232 -28.42 16.37 6.62
C ASP A 232 -29.25 15.15 6.91
N TYR A 233 -28.64 14.13 7.53
CA TYR A 233 -29.36 12.86 7.74
C TYR A 233 -30.58 12.97 8.66
N ALA A 234 -30.61 13.98 9.53
CA ALA A 234 -31.76 14.25 10.41
C ALA A 234 -32.96 14.96 9.74
N ALA A 235 -32.80 15.41 8.49
CA ALA A 235 -33.86 16.10 7.75
C ALA A 235 -34.79 15.20 6.89
N GLY A 236 -34.83 13.90 7.18
CA GLY A 236 -35.80 13.00 6.56
C GLY A 236 -35.88 13.03 5.05
N ALA A 237 -37.05 13.40 4.51
CA ALA A 237 -37.25 13.35 3.05
C ALA A 237 -36.38 14.34 2.25
N ARG A 238 -35.85 15.36 2.92
CA ARG A 238 -35.01 16.34 2.26
C ARG A 238 -33.56 16.19 2.74
N ALA A 239 -33.12 14.86 3.35
CA ALA A 239 -31.74 14.63 3.82
C ALA A 239 -30.69 15.00 2.77
N GLY A 240 -30.97 14.61 1.53
CA GLY A 240 -30.03 14.71 0.44
C GLY A 240 -30.28 15.85 -0.54
N ALA A 241 -31.26 16.71 -0.25
CA ALA A 241 -31.68 17.71 -1.23
C ALA A 241 -30.54 18.67 -1.58
N LYS A 242 -29.77 19.09 -0.59
CA LYS A 242 -28.72 20.09 -0.78
C LYS A 242 -27.36 19.49 -1.09
N ALA A 243 -27.31 18.17 -1.27
CA ALA A 243 -26.05 17.48 -1.50
C ALA A 243 -25.25 18.04 -2.64
N LEU A 244 -23.95 18.17 -2.38
CA LEU A 244 -22.99 18.56 -3.39
C LEU A 244 -22.84 17.51 -4.47
N THR A 245 -22.50 17.95 -5.68
CA THR A 245 -21.96 17.07 -6.69
C THR A 245 -20.53 16.69 -6.27
N CYS A 246 -19.99 15.64 -6.89
CA CYS A 246 -18.57 15.29 -6.70
C CYS A 246 -17.64 16.39 -7.16
N LYS A 247 -17.98 17.03 -8.27
CA LYS A 247 -17.26 18.21 -8.76
C LYS A 247 -17.17 19.35 -7.73
N ALA A 248 -18.29 19.68 -7.10
CA ALA A 248 -18.35 20.78 -6.15
C ALA A 248 -17.61 20.40 -4.88
N TYR A 249 -17.71 19.14 -4.50
CA TYR A 249 -17.03 18.65 -3.28
C TYR A 249 -15.51 18.72 -3.47
N ALA A 250 -15.04 18.28 -4.62
CA ALA A 250 -13.61 18.30 -4.95
C ALA A 250 -13.10 19.73 -4.98
N ASP A 251 -13.87 20.60 -5.63
CA ASP A 251 -13.50 22.00 -5.69
C ASP A 251 -13.44 22.69 -4.31
N ALA A 252 -14.48 22.54 -3.49
CA ALA A 252 -14.49 23.08 -2.13
C ALA A 252 -13.31 22.56 -1.31
N ALA A 253 -13.01 21.28 -1.44
CA ALA A 253 -11.86 20.70 -0.74
C ALA A 253 -10.53 21.29 -1.20
N GLU A 254 -10.35 21.49 -2.50
CA GLU A 254 -9.11 22.00 -3.03
C GLU A 254 -8.89 23.46 -2.64
N GLN A 255 -9.96 24.25 -2.60
CA GLN A 255 -9.87 25.62 -2.14
C GLN A 255 -9.48 25.68 -0.68
N LYS A 256 -10.05 24.82 0.16
CA LYS A 256 -9.72 24.78 1.58
C LYS A 256 -8.25 24.37 1.74
N PHE A 257 -7.84 23.36 0.97
CA PHE A 257 -6.48 22.85 1.00
C PHE A 257 -5.49 23.93 0.62
N ASP A 258 -5.80 24.68 -0.43
CA ASP A 258 -4.92 25.79 -0.88
C ASP A 258 -4.80 26.86 0.22
N GLY A 259 -5.91 27.20 0.87
CA GLY A 259 -5.91 28.12 2.02
C GLY A 259 -5.07 27.61 3.18
N GLN A 260 -5.23 26.35 3.51
CA GLN A 260 -4.39 25.66 4.50
C GLN A 260 -2.88 25.72 4.17
N LEU A 261 -2.50 25.52 2.92
CA LEU A 261 -1.09 25.61 2.54
C LEU A 261 -0.53 27.03 2.81
N ALA A 262 -1.29 28.04 2.40
CA ALA A 262 -0.89 29.44 2.61
C ALA A 262 -0.78 29.72 4.10
N LYS A 263 -1.73 29.24 4.90
CA LYS A 263 -1.65 29.47 6.36
C LYS A 263 -0.47 28.76 6.98
N GLU A 264 -0.17 27.54 6.50
CA GLU A 264 0.98 26.77 7.02
C GLU A 264 2.30 27.50 6.79
N THR A 265 2.48 28.01 5.57
CA THR A 265 3.64 28.82 5.20
C THR A 265 3.77 30.06 6.11
N ALA A 266 2.64 30.69 6.40
CA ALA A 266 2.63 31.83 7.31
C ALA A 266 2.93 31.41 8.77
N GLY A 267 2.46 30.22 9.15
CA GLY A 267 2.48 29.78 10.54
C GLY A 267 3.81 29.19 10.94
N GLU B 2 -6.36 -44.57 -11.56
CA GLU B 2 -6.76 -43.19 -11.15
C GLU B 2 -5.56 -42.25 -11.16
N VAL B 3 -5.85 -40.97 -10.98
CA VAL B 3 -4.89 -39.89 -11.18
C VAL B 3 -4.93 -39.02 -9.94
N PRO B 4 -3.83 -38.99 -9.21
CA PRO B 4 -3.77 -38.16 -8.00
C PRO B 4 -3.56 -36.72 -8.38
N LEU B 5 -3.84 -35.82 -7.44
CA LEU B 5 -3.47 -34.43 -7.58
C LEU B 5 -1.95 -34.34 -7.72
N PRO B 6 -1.44 -33.31 -8.41
CA PRO B 6 0.01 -33.24 -8.65
C PRO B 6 0.72 -32.91 -7.35
N GLN B 7 1.98 -33.33 -7.26
CA GLN B 7 2.83 -32.94 -6.14
C GLN B 7 3.09 -31.46 -6.19
N LEU B 8 3.37 -30.90 -5.03
CA LEU B 8 3.87 -29.52 -4.95
C LEU B 8 5.19 -29.44 -5.75
N ARG B 9 5.36 -28.33 -6.50
CA ARG B 9 6.53 -28.07 -7.32
C ARG B 9 7.33 -26.99 -6.59
N ALA B 10 8.59 -27.31 -6.29
CA ALA B 10 9.47 -26.35 -5.66
C ALA B 10 9.89 -25.28 -6.66
N TYR B 11 10.23 -24.13 -6.13
CA TYR B 11 10.66 -23.02 -6.95
C TYR B 11 12.13 -23.27 -7.21
N THR B 12 12.43 -23.87 -8.36
CA THR B 12 13.81 -24.19 -8.76
C THR B 12 14.34 -23.12 -9.72
N VAL B 13 15.64 -22.86 -9.65
CA VAL B 13 16.26 -21.73 -10.37
C VAL B 13 17.60 -22.13 -10.97
N ASP B 14 18.12 -21.33 -11.88
CA ASP B 14 19.41 -21.57 -12.51
C ASP B 14 20.46 -21.72 -11.44
N ALA B 15 21.39 -22.63 -11.63
CA ALA B 15 22.46 -22.82 -10.65
C ALA B 15 23.21 -21.53 -10.27
N SER B 16 23.40 -20.65 -11.23
CA SER B 16 24.16 -19.42 -10.97
C SER B 16 23.51 -18.49 -9.93
N TRP B 17 22.17 -18.56 -9.83
CA TRP B 17 21.40 -17.84 -8.81
C TRP B 17 21.73 -18.29 -7.39
N LEU B 18 22.25 -19.51 -7.30
CA LEU B 18 22.53 -20.17 -6.04
C LEU B 18 24.03 -20.36 -5.80
N GLN B 19 24.86 -19.77 -6.65
CA GLN B 19 26.31 -19.96 -6.56
C GLN B 19 26.91 -18.88 -5.66
N PRO B 20 27.41 -19.27 -4.49
CA PRO B 20 28.03 -18.33 -3.58
C PRO B 20 29.19 -17.58 -4.21
N MET B 21 29.35 -16.33 -3.82
CA MET B 21 30.55 -15.54 -4.14
C MET B 21 31.04 -14.83 -2.88
N ALA B 22 32.34 -14.54 -2.83
CA ALA B 22 32.91 -13.66 -1.82
C ALA B 22 32.41 -12.22 -2.01
N PRO B 23 32.45 -11.39 -0.97
CA PRO B 23 32.03 -10.00 -1.12
C PRO B 23 32.76 -9.27 -2.24
N LEU B 24 32.00 -8.50 -3.01
CA LEU B 24 32.52 -7.70 -4.10
C LEU B 24 32.24 -6.22 -3.84
N GLN B 25 33.29 -5.40 -3.80
CA GLN B 25 33.13 -4.01 -3.41
C GLN B 25 32.57 -3.19 -4.59
N ILE B 26 31.53 -2.41 -4.31
CA ILE B 26 30.91 -1.52 -5.28
C ILE B 26 31.42 -0.09 -5.09
N ALA B 27 31.47 0.33 -3.84
CA ALA B 27 31.94 1.64 -3.44
C ALA B 27 32.47 1.55 -2.01
N ASP B 28 32.87 2.68 -1.40
CA ASP B 28 33.58 2.63 -0.11
C ASP B 28 32.81 1.83 0.98
N HIS B 29 31.48 1.94 1.02
CA HIS B 29 30.65 1.28 2.05
C HIS B 29 29.73 0.16 1.54
N THR B 30 29.66 0.00 0.21
CA THR B 30 28.65 -0.84 -0.44
C THR B 30 29.31 -2.06 -1.08
N TRP B 31 28.79 -3.23 -0.76
CA TRP B 31 29.30 -4.51 -1.21
C TRP B 31 28.16 -5.44 -1.68
N GLN B 32 28.38 -6.16 -2.79
CA GLN B 32 27.52 -7.26 -3.21
C GLN B 32 27.95 -8.50 -2.42
N ILE B 33 27.03 -9.12 -1.68
CA ILE B 33 27.39 -10.27 -0.83
C ILE B 33 26.49 -11.50 -1.07
N GLY B 34 25.69 -11.41 -2.13
CA GLY B 34 24.80 -12.49 -2.51
C GLY B 34 25.50 -13.56 -3.32
N THR B 35 24.84 -14.01 -4.38
CA THR B 35 25.34 -15.07 -5.23
C THR B 35 25.79 -14.45 -6.57
N GLU B 36 26.30 -15.39 -7.54
CA GLU B 36 26.72 -14.83 -8.83
C GLU B 36 25.59 -14.12 -9.57
N ASP B 37 24.36 -14.61 -9.45
CA ASP B 37 23.24 -14.04 -10.21
C ASP B 37 22.07 -13.48 -9.40
N LEU B 38 22.24 -13.24 -8.10
CA LEU B 38 21.24 -12.52 -7.33
C LEU B 38 21.93 -11.55 -6.41
N THR B 39 21.46 -10.32 -6.46
CA THR B 39 22.01 -9.24 -5.71
C THR B 39 21.56 -9.29 -4.24
N ALA B 40 22.50 -9.06 -3.33
CA ALA B 40 22.22 -8.78 -1.93
C ALA B 40 23.29 -7.76 -1.49
N LEU B 41 22.86 -6.53 -1.22
CA LEU B 41 23.78 -5.41 -0.96
C LEU B 41 23.92 -5.09 0.52
N LEU B 42 25.15 -5.15 1.00
CA LEU B 42 25.48 -4.75 2.36
C LEU B 42 26.09 -3.35 2.35
N VAL B 43 25.52 -2.44 3.12
CA VAL B 43 26.02 -1.09 3.24
C VAL B 43 26.46 -0.92 4.68
N GLN B 44 27.77 -0.71 4.85
CA GLN B 44 28.43 -0.70 6.16
C GLN B 44 28.67 0.76 6.56
N THR B 45 28.11 1.15 7.71
CA THR B 45 28.25 2.48 8.28
C THR B 45 28.89 2.40 9.68
N PRO B 46 29.34 3.54 10.20
CA PRO B 46 29.84 3.58 11.58
C PRO B 46 28.73 3.38 12.61
N ASP B 47 27.47 3.33 12.18
CA ASP B 47 26.33 3.13 13.07
C ASP B 47 25.55 1.87 12.75
N GLY B 48 26.22 0.88 12.16
CA GLY B 48 25.56 -0.38 11.87
C GLY B 48 25.36 -0.56 10.38
N ALA B 49 24.91 -1.74 10.02
CA ALA B 49 24.86 -2.16 8.63
C ALA B 49 23.40 -2.32 8.12
N VAL B 50 23.25 -2.09 6.82
CA VAL B 50 21.99 -2.23 6.07
C VAL B 50 22.18 -3.34 5.01
N LEU B 51 21.17 -4.19 4.84
CA LEU B 51 21.08 -5.15 3.77
C LEU B 51 19.92 -4.77 2.85
N LEU B 52 20.19 -4.67 1.56
CA LEU B 52 19.17 -4.48 0.54
C LEU B 52 19.06 -5.78 -0.23
N ASP B 53 17.94 -6.48 0.01
CA ASP B 53 17.67 -7.81 -0.52
C ASP B 53 18.54 -8.90 0.10
N GLY B 54 18.01 -10.10 0.09
CA GLY B 54 18.74 -11.28 0.50
C GLY B 54 18.77 -12.44 -0.47
N GLY B 55 18.06 -12.33 -1.60
CA GLY B 55 18.07 -13.40 -2.58
C GLY B 55 17.06 -14.50 -2.25
N MET B 56 17.47 -15.74 -2.50
CA MET B 56 16.63 -16.91 -2.32
C MET B 56 16.58 -17.34 -0.85
N PRO B 57 15.44 -18.15 -0.36
CA PRO B 57 15.39 -18.62 1.03
C PRO B 57 16.66 -19.29 1.53
N GLN B 58 17.33 -20.10 0.71
CA GLN B 58 18.44 -20.91 1.19
C GLN B 58 19.76 -20.12 1.33
N MET B 59 19.73 -18.81 1.05
CA MET B 59 20.93 -17.97 1.10
C MET B 59 21.25 -17.37 2.47
N ALA B 60 20.44 -17.60 3.49
CA ALA B 60 20.65 -16.88 4.77
C ALA B 60 22.06 -17.07 5.35
N SER B 61 22.50 -18.31 5.44
CA SER B 61 23.78 -18.61 6.14
C SER B 61 24.95 -18.06 5.35
N HIS B 62 24.90 -18.19 4.03
CA HIS B 62 25.91 -17.61 3.17
C HIS B 62 25.97 -16.09 3.38
N LEU B 63 24.82 -15.42 3.47
CA LEU B 63 24.83 -13.97 3.72
C LEU B 63 25.46 -13.65 5.04
N LEU B 64 25.15 -14.44 6.07
CA LEU B 64 25.72 -14.21 7.40
C LEU B 64 27.23 -14.45 7.39
N ASP B 65 27.68 -15.48 6.66
CA ASP B 65 29.12 -15.70 6.51
C ASP B 65 29.81 -14.54 5.81
N ASN B 66 29.19 -14.00 4.77
CA ASN B 66 29.79 -12.87 4.07
C ASN B 66 29.78 -11.65 4.96
N MET B 67 28.73 -11.45 5.75
CA MET B 67 28.71 -10.32 6.66
C MET B 67 29.87 -10.43 7.64
N LYS B 68 30.06 -11.63 8.17
CA LYS B 68 31.11 -11.88 9.17
C LYS B 68 32.49 -11.55 8.59
N ALA B 69 32.72 -11.95 7.35
CA ALA B 69 33.95 -11.65 6.62
C ALA B 69 34.17 -10.13 6.48
N ARG B 70 33.09 -9.36 6.41
CA ARG B 70 33.15 -7.91 6.33
C ARG B 70 33.25 -7.24 7.71
N GLY B 71 33.26 -8.03 8.78
CA GLY B 71 33.30 -7.51 10.13
C GLY B 71 31.93 -7.15 10.68
N VAL B 72 30.85 -7.61 10.02
CA VAL B 72 29.48 -7.31 10.44
C VAL B 72 28.91 -8.52 11.16
N THR B 73 28.67 -8.38 12.46
CA THR B 73 28.15 -9.46 13.28
C THR B 73 26.61 -9.42 13.18
N PRO B 74 25.95 -10.47 13.59
CA PRO B 74 24.47 -10.43 13.62
C PRO B 74 23.89 -9.22 14.31
N ARG B 75 24.47 -8.82 15.42
CA ARG B 75 23.97 -7.71 16.20
C ARG B 75 24.12 -6.40 15.43
N ASP B 76 25.15 -6.32 14.58
CA ASP B 76 25.46 -5.11 13.82
C ASP B 76 24.46 -4.83 12.68
N LEU B 77 23.78 -5.86 12.19
CA LEU B 77 22.78 -5.65 11.13
C LEU B 77 21.50 -4.99 11.70
N ARG B 78 21.22 -3.78 11.27
CA ARG B 78 20.15 -2.96 11.81
C ARG B 78 18.87 -2.94 10.96
N LEU B 79 19.05 -3.00 9.66
CA LEU B 79 17.99 -2.68 8.72
C LEU B 79 18.04 -3.61 7.51
N ILE B 80 16.89 -4.13 7.08
CA ILE B 80 16.75 -4.82 5.81
C ILE B 80 15.78 -3.99 4.98
N LEU B 81 16.19 -3.65 3.76
CA LEU B 81 15.34 -3.02 2.75
C LEU B 81 15.17 -4.00 1.59
N LEU B 82 14.09 -3.83 0.83
CA LEU B 82 13.74 -4.72 -0.25
C LEU B 82 13.44 -3.97 -1.53
N SER B 83 13.87 -4.56 -2.63
CA SER B 83 13.43 -4.13 -3.94
C SER B 83 11.95 -4.54 -4.11
N HIS B 84 11.68 -5.83 -4.01
CA HIS B 84 10.30 -6.35 -4.07
C HIS B 84 10.24 -7.71 -3.36
N ALA B 85 9.06 -8.03 -2.86
CA ALA B 85 8.91 -9.15 -1.97
C ALA B 85 8.54 -10.47 -2.68
N HIS B 86 9.30 -10.83 -3.69
CA HIS B 86 9.24 -12.16 -4.30
C HIS B 86 10.27 -13.08 -3.64
N ALA B 87 10.09 -14.39 -3.80
CA ALA B 87 10.94 -15.40 -3.13
C ALA B 87 12.44 -15.30 -3.49
N ASP B 88 12.74 -14.78 -4.67
CA ASP B 88 14.14 -14.69 -5.14
C ASP B 88 14.91 -13.43 -4.66
N HIS B 89 14.24 -12.57 -3.92
CA HIS B 89 14.82 -11.38 -3.34
C HIS B 89 14.60 -11.25 -1.84
N ALA B 90 13.44 -11.68 -1.35
CA ALA B 90 13.09 -11.54 0.06
C ALA B 90 13.08 -12.90 0.76
N GLY B 91 13.47 -13.92 0.02
CA GLY B 91 13.43 -15.29 0.48
C GLY B 91 13.92 -15.55 1.89
N PRO B 92 15.11 -15.05 2.26
CA PRO B 92 15.70 -15.33 3.59
C PRO B 92 15.37 -14.31 4.68
N VAL B 93 14.47 -13.36 4.44
CA VAL B 93 14.25 -12.25 5.36
C VAL B 93 13.74 -12.76 6.71
N ALA B 94 12.77 -13.66 6.71
CA ALA B 94 12.28 -14.21 7.98
C ALA B 94 13.39 -14.78 8.86
N GLU B 95 14.23 -15.62 8.27
CA GLU B 95 15.33 -16.26 8.93
C GLU B 95 16.37 -15.24 9.39
N LEU B 96 16.71 -14.27 8.52
CA LEU B 96 17.63 -13.23 8.92
C LEU B 96 17.09 -12.45 10.12
N LYS B 97 15.78 -12.18 10.15
CA LYS B 97 15.22 -11.45 11.29
C LYS B 97 15.41 -12.27 12.60
N ARG B 98 15.24 -13.57 12.53
CA ARG B 98 15.45 -14.45 13.70
C ARG B 98 16.89 -14.54 14.14
N ARG B 99 17.81 -14.39 13.20
CA ARG B 99 19.23 -14.67 13.47
C ARG B 99 20.07 -13.42 13.69
N THR B 100 19.48 -12.26 13.49
CA THR B 100 20.19 -10.99 13.63
C THR B 100 19.36 -9.96 14.37
N GLY B 101 19.98 -8.81 14.56
CA GLY B 101 19.31 -7.61 15.04
C GLY B 101 18.39 -6.87 14.06
N ALA B 102 18.28 -7.35 12.83
CA ALA B 102 17.74 -6.53 11.78
C ALA B 102 16.22 -6.39 11.87
N LYS B 103 15.79 -5.20 11.51
CA LYS B 103 14.38 -4.89 11.33
C LYS B 103 14.13 -4.53 9.89
N VAL B 104 12.92 -4.76 9.41
CA VAL B 104 12.57 -4.55 8.02
C VAL B 104 11.77 -3.26 7.86
N ALA B 105 12.15 -2.45 6.87
CA ALA B 105 11.37 -1.30 6.45
C ALA B 105 10.95 -1.53 5.03
N ALA B 106 9.67 -1.35 4.77
CA ALA B 106 9.12 -1.56 3.45
C ALA B 106 7.81 -0.78 3.28
N ASN B 107 7.40 -0.56 2.03
CA ASN B 107 6.12 0.10 1.81
C ASN B 107 4.96 -0.87 2.10
N ALA B 108 3.76 -0.33 2.20
CA ALA B 108 2.58 -1.12 2.57
C ALA B 108 2.35 -2.31 1.65
N GLU B 109 2.49 -2.11 0.36
CA GLU B 109 2.31 -3.23 -0.56
C GLU B 109 3.35 -4.35 -0.33
N SER B 110 4.62 -3.97 -0.24
CA SER B 110 5.67 -4.98 -0.01
C SER B 110 5.50 -5.69 1.35
N ALA B 111 5.03 -4.95 2.36
CA ALA B 111 4.83 -5.51 3.68
C ALA B 111 3.74 -6.57 3.68
N VAL B 112 2.64 -6.28 2.98
CA VAL B 112 1.51 -7.18 2.92
C VAL B 112 1.88 -8.44 2.13
N LEU B 113 2.60 -8.29 1.02
CA LEU B 113 3.09 -9.46 0.28
C LEU B 113 4.12 -10.29 1.09
N LEU B 114 5.01 -9.62 1.81
CA LEU B 114 6.02 -10.26 2.64
C LEU B 114 5.35 -11.06 3.79
N ALA B 115 4.34 -10.47 4.40
CA ALA B 115 3.56 -11.06 5.47
C ALA B 115 2.81 -12.32 5.03
N ARG B 116 2.53 -12.44 3.73
CA ARG B 116 1.90 -13.60 3.12
C ARG B 116 2.89 -14.62 2.59
N GLY B 117 4.19 -14.42 2.78
CA GLY B 117 5.18 -15.28 2.17
C GLY B 117 5.11 -15.38 0.64
N GLY B 118 4.64 -14.32 0.01
CA GLY B 118 4.51 -14.27 -1.43
C GLY B 118 3.35 -15.09 -1.96
N SER B 119 2.55 -15.68 -1.08
CA SER B 119 1.33 -16.37 -1.53
C SER B 119 0.29 -15.38 -2.08
N ASP B 120 -0.69 -15.93 -2.78
CA ASP B 120 -1.72 -15.13 -3.48
C ASP B 120 -1.12 -13.96 -4.28
N ASP B 121 -0.07 -14.25 -5.01
CA ASP B 121 0.59 -13.26 -5.86
C ASP B 121 -0.39 -12.88 -6.98
N LEU B 122 -0.37 -11.63 -7.41
CA LEU B 122 -1.32 -11.18 -8.45
C LEU B 122 -1.24 -11.98 -9.73
N HIS B 123 -0.05 -12.47 -10.06
CA HIS B 123 0.22 -13.19 -11.29
C HIS B 123 0.62 -14.65 -11.12
N PHE B 124 1.32 -15.01 -10.05
CA PHE B 124 1.89 -16.37 -9.87
C PHE B 124 1.01 -17.22 -8.94
N GLY B 125 0.00 -16.63 -8.34
CA GLY B 125 -0.87 -17.33 -7.43
C GLY B 125 -0.20 -17.69 -6.12
N ASP B 126 0.19 -19.28 -5.88
CA ASP B 126 0.94 -19.88 -4.82
C ASP B 126 2.13 -20.62 -5.35
N GLY B 127 2.55 -20.25 -6.56
CA GLY B 127 3.64 -20.92 -7.22
C GLY B 127 5.01 -20.58 -6.68
N ILE B 128 5.14 -19.40 -6.08
CA ILE B 128 6.46 -18.96 -5.66
C ILE B 128 6.33 -18.38 -4.26
N THR B 129 6.23 -19.25 -3.26
CA THR B 129 6.09 -18.81 -1.87
C THR B 129 7.41 -18.92 -1.10
N TYR B 130 7.41 -18.40 0.12
CA TYR B 130 8.61 -18.39 0.96
C TYR B 130 8.22 -18.06 2.41
N PRO B 131 9.11 -18.24 3.37
CA PRO B 131 8.71 -17.97 4.76
C PRO B 131 8.27 -16.52 4.97
N PRO B 132 7.06 -16.31 5.50
CA PRO B 132 6.61 -14.95 5.75
C PRO B 132 7.50 -14.28 6.78
N ALA B 133 7.37 -12.83 6.65
CA ALA B 133 8.03 -11.99 7.63
C ALA B 133 7.20 -10.77 7.83
N ASN B 134 7.41 -10.11 8.96
CA ASN B 134 6.72 -8.87 9.31
C ASN B 134 7.60 -7.65 9.13
N ALA B 135 7.05 -6.58 8.55
CA ALA B 135 7.76 -5.31 8.49
C ALA B 135 7.70 -4.59 9.84
N ASP B 136 8.77 -3.90 10.20
CA ASP B 136 8.83 -3.16 11.46
C ASP B 136 8.47 -1.71 11.29
N ARG B 137 8.65 -1.22 10.07
CA ARG B 137 8.44 0.16 9.73
C ARG B 137 7.86 0.22 8.32
N ILE B 138 6.82 1.06 8.15
CA ILE B 138 6.24 1.26 6.85
C ILE B 138 6.73 2.59 6.27
N VAL B 139 7.18 2.55 5.01
CA VAL B 139 7.70 3.72 4.34
C VAL B 139 6.78 4.19 3.22
N MET B 140 6.82 5.50 3.00
CA MET B 140 6.05 6.20 2.03
C MET B 140 6.98 6.59 0.90
N ASP B 141 6.39 6.89 -0.24
CA ASP B 141 7.15 7.27 -1.42
C ASP B 141 7.97 8.53 -1.11
N GLY B 142 9.26 8.47 -1.44
CA GLY B 142 10.16 9.58 -1.20
C GLY B 142 10.67 9.72 0.23
N GLU B 143 10.24 8.82 1.12
CA GLU B 143 10.65 8.86 2.51
C GLU B 143 12.10 8.45 2.58
N VAL B 144 12.84 9.07 3.50
CA VAL B 144 14.25 8.73 3.66
C VAL B 144 14.44 8.02 4.96
N ILE B 145 15.37 7.06 4.94
CA ILE B 145 15.89 6.42 6.15
C ILE B 145 17.38 6.63 6.21
N THR B 146 17.84 7.08 7.38
CA THR B 146 19.23 7.40 7.59
C THR B 146 19.88 6.43 8.60
N VAL B 147 20.98 5.80 8.18
CA VAL B 147 21.79 4.93 9.05
C VAL B 147 23.25 5.35 8.93
N GLY B 148 23.84 5.72 10.08
CA GLY B 148 25.20 6.20 10.18
C GLY B 148 25.57 7.18 9.08
N GLY B 149 24.68 8.13 8.81
CA GLY B 149 24.95 9.13 7.79
C GLY B 149 24.83 8.75 6.34
N ILE B 150 24.40 7.52 6.04
CA ILE B 150 24.04 7.20 4.68
C ILE B 150 22.51 7.39 4.59
N VAL B 151 22.07 8.16 3.62
CA VAL B 151 20.65 8.48 3.48
C VAL B 151 20.07 7.65 2.33
N PHE B 152 19.16 6.77 2.68
CA PHE B 152 18.44 5.93 1.70
C PHE B 152 17.10 6.53 1.38
N THR B 153 16.81 6.80 0.12
CA THR B 153 15.55 7.37 -0.28
C THR B 153 14.77 6.32 -1.08
N ALA B 154 13.48 6.17 -0.77
CA ALA B 154 12.59 5.28 -1.49
C ALA B 154 11.90 5.97 -2.67
N HIS B 155 11.88 5.29 -3.82
CA HIS B 155 11.28 5.75 -5.05
C HIS B 155 10.35 4.61 -5.51
N PHE B 156 9.06 4.74 -5.22
CA PHE B 156 8.09 3.71 -5.61
C PHE B 156 8.08 3.68 -7.14
N MET B 157 8.22 2.27 -7.54
CA MET B 157 8.10 2.00 -8.99
C MET B 157 7.24 0.76 -9.27
N ALA B 158 5.95 0.90 -8.89
CA ALA B 158 4.95 -0.17 -9.05
C ALA B 158 4.94 -0.75 -10.47
N GLY B 159 4.85 -2.07 -10.54
CA GLY B 159 4.66 -2.78 -11.79
C GLY B 159 4.97 -4.23 -11.62
N HIS B 160 6.23 -4.55 -11.51
CA HIS B 160 6.68 -5.94 -11.40
C HIS B 160 5.94 -6.56 -10.18
N THR B 161 5.94 -5.82 -9.08
CA THR B 161 4.96 -5.98 -8.00
C THR B 161 4.37 -4.63 -7.70
N PRO B 162 3.20 -4.59 -7.06
CA PRO B 162 2.67 -3.28 -6.57
C PRO B 162 3.61 -2.46 -5.67
N GLY B 163 4.37 -3.14 -4.84
CA GLY B 163 5.29 -2.54 -3.93
C GLY B 163 6.73 -2.36 -4.39
N SER B 164 7.01 -2.64 -5.65
CA SER B 164 8.34 -2.46 -6.22
C SER B 164 8.89 -1.04 -5.94
N THR B 165 10.13 -1.03 -5.46
CA THR B 165 10.83 0.15 -4.98
C THR B 165 12.26 0.21 -5.51
N ALA B 166 12.66 1.41 -5.93
CA ALA B 166 14.05 1.72 -6.16
C ALA B 166 14.56 2.43 -4.91
N TRP B 167 15.75 2.05 -4.46
CA TRP B 167 16.42 2.68 -3.32
C TRP B 167 17.66 3.41 -3.86
N THR B 168 17.82 4.68 -3.48
CA THR B 168 19.00 5.45 -3.81
C THR B 168 19.73 5.96 -2.57
N TRP B 169 21.04 5.97 -2.68
CA TRP B 169 21.90 6.58 -1.67
C TRP B 169 23.21 7.04 -2.29
N THR B 170 23.87 7.92 -1.57
CA THR B 170 25.16 8.43 -2.01
C THR B 170 26.28 7.83 -1.19
N ASP B 171 27.16 7.10 -1.87
CA ASP B 171 28.36 6.56 -1.24
C ASP B 171 29.54 7.42 -1.77
N THR B 172 30.76 6.97 -1.51
CA THR B 172 31.98 7.59 -2.06
C THR B 172 32.91 6.59 -2.67
N ARG B 173 33.77 7.08 -3.57
CA ARG B 173 34.86 6.30 -4.14
C ARG B 173 35.93 7.28 -4.65
N ASN B 174 37.18 7.00 -4.26
CA ASN B 174 38.35 7.84 -4.61
C ASN B 174 38.07 9.31 -4.36
N GLY B 175 37.58 9.64 -3.17
CA GLY B 175 37.26 11.02 -2.81
C GLY B 175 35.98 11.65 -3.32
N LYS B 176 35.29 11.01 -4.28
CA LYS B 176 34.13 11.63 -4.94
C LYS B 176 32.80 10.97 -4.52
N PRO B 177 31.69 11.69 -4.65
CA PRO B 177 30.39 11.06 -4.41
C PRO B 177 30.07 10.03 -5.51
N VAL B 178 29.41 8.94 -5.10
CA VAL B 178 28.90 7.93 -6.02
C VAL B 178 27.41 7.76 -5.71
N ARG B 179 26.56 8.30 -6.55
CA ARG B 179 25.11 8.19 -6.41
C ARG B 179 24.64 6.85 -6.99
N ILE B 180 24.34 5.92 -6.07
CA ILE B 180 23.97 4.56 -6.37
C ILE B 180 22.45 4.48 -6.44
N ALA B 181 21.96 3.82 -7.49
CA ALA B 181 20.55 3.60 -7.65
C ALA B 181 20.39 2.08 -7.73
N TYR B 182 19.73 1.50 -6.72
CA TYR B 182 19.32 0.11 -6.75
C TYR B 182 17.86 0.06 -7.24
N ALA B 183 17.69 -0.16 -8.54
CA ALA B 183 16.38 -0.08 -9.18
C ALA B 183 15.81 -1.47 -9.33
N ASP B 184 14.53 -1.60 -9.02
CA ASP B 184 13.85 -2.88 -9.06
C ASP B 184 13.62 -3.34 -10.50
N SER B 185 13.26 -4.61 -10.64
CA SER B 185 12.86 -5.19 -11.92
C SER B 185 11.75 -4.40 -12.56
N LEU B 186 11.86 -4.29 -13.88
CA LEU B 186 10.87 -3.65 -14.74
C LEU B 186 10.30 -4.66 -15.74
N SER B 187 10.51 -6.07 -15.46
CA SER B 187 10.03 -7.21 -16.23
C SER B 187 8.59 -7.48 -15.87
N ALA B 188 7.90 -8.21 -16.73
CA ALA B 188 6.55 -8.67 -16.49
C ALA B 188 6.39 -10.11 -16.96
N PRO B 189 7.11 -11.05 -16.35
CA PRO B 189 7.29 -12.39 -16.93
C PRO B 189 6.03 -13.22 -16.85
N GLY B 190 5.44 -13.45 -18.01
CA GLY B 190 4.18 -14.17 -18.11
C GLY B 190 2.95 -13.40 -17.65
N TYR B 191 3.08 -12.09 -17.40
CA TYR B 191 1.95 -11.35 -16.86
C TYR B 191 0.92 -11.09 -17.94
N GLN B 192 -0.36 -11.13 -17.57
CA GLN B 192 -1.40 -10.51 -18.36
C GLN B 192 -1.33 -9.01 -18.09
N LEU B 193 -1.03 -8.22 -19.13
CA LEU B 193 -0.84 -6.79 -19.01
C LEU B 193 -2.15 -6.01 -19.10
N GLN B 194 -2.99 -6.37 -20.06
CA GLN B 194 -4.19 -5.57 -20.39
C GLN B 194 -5.42 -6.18 -19.76
N GLY B 195 -6.24 -5.35 -19.12
CA GLY B 195 -7.49 -5.79 -18.54
C GLY B 195 -7.36 -6.85 -17.46
N ASN B 196 -6.29 -6.77 -16.66
CA ASN B 196 -6.05 -7.73 -15.61
C ASN B 196 -6.92 -7.33 -14.43
N PRO B 197 -7.89 -8.19 -14.05
CA PRO B 197 -8.85 -7.81 -13.00
C PRO B 197 -8.13 -7.63 -11.65
N ARG B 198 -7.01 -8.32 -11.44
CA ARG B 198 -6.24 -8.17 -10.20
C ARG B 198 -5.31 -6.94 -10.17
N TYR B 199 -5.07 -6.31 -11.32
CA TYR B 199 -4.24 -5.12 -11.39
C TYR B 199 -4.71 -4.25 -12.59
N PRO B 200 -5.86 -3.59 -12.43
CA PRO B 200 -6.47 -2.81 -13.53
C PRO B 200 -5.59 -1.71 -14.14
N HIS B 201 -4.78 -1.04 -13.33
CA HIS B 201 -3.92 0.03 -13.85
C HIS B 201 -2.46 -0.38 -14.03
N LEU B 202 -2.24 -1.65 -14.31
CA LEU B 202 -0.89 -2.18 -14.44
C LEU B 202 -0.05 -1.40 -15.47
N ILE B 203 -0.62 -1.18 -16.66
CA ILE B 203 0.12 -0.52 -17.75
C ILE B 203 0.52 0.90 -17.33
N GLU B 204 -0.41 1.66 -16.77
CA GLU B 204 -0.16 3.04 -16.37
C GLU B 204 0.95 3.11 -15.32
N ASP B 205 0.90 2.21 -14.34
CA ASP B 205 1.95 2.07 -13.33
C ASP B 205 3.35 1.73 -13.89
N TYR B 206 3.43 0.76 -14.81
CA TYR B 206 4.70 0.48 -15.49
C TYR B 206 5.21 1.74 -16.22
N ARG B 207 4.34 2.44 -16.96
CA ARG B 207 4.74 3.63 -17.70
C ARG B 207 5.32 4.70 -16.76
N ARG B 208 4.66 4.92 -15.63
CA ARG B 208 5.17 5.87 -14.65
C ARG B 208 6.49 5.39 -14.08
N SER B 209 6.59 4.09 -13.86
CA SER B 209 7.81 3.48 -13.35
C SER B 209 9.01 3.58 -14.31
N PHE B 210 8.79 3.44 -15.61
CA PHE B 210 9.89 3.68 -16.55
C PHE B 210 10.40 5.14 -16.34
N ALA B 211 9.46 6.08 -16.23
CA ALA B 211 9.81 7.51 -16.10
C ALA B 211 10.58 7.76 -14.80
N THR B 212 10.15 7.13 -13.71
CA THR B 212 10.82 7.26 -12.42
C THR B 212 12.27 6.77 -12.48
N VAL B 213 12.46 5.61 -13.06
CA VAL B 213 13.78 4.99 -13.14
C VAL B 213 14.74 5.82 -14.03
N ARG B 214 14.24 6.30 -15.17
CA ARG B 214 14.98 7.21 -16.06
C ARG B 214 15.55 8.43 -15.35
N ALA B 215 14.82 8.97 -14.37
CA ALA B 215 15.19 10.19 -13.67
C ALA B 215 15.97 10.04 -12.37
N LEU B 216 16.27 8.82 -11.93
CA LEU B 216 16.92 8.67 -10.63
C LEU B 216 18.32 9.28 -10.66
N PRO B 217 18.81 9.75 -9.50
CA PRO B 217 20.23 10.08 -9.34
C PRO B 217 20.99 8.78 -9.47
N CYS B 218 21.91 8.69 -10.43
CA CYS B 218 22.35 7.40 -10.94
C CYS B 218 23.74 7.42 -11.55
N ASP B 219 24.76 7.69 -10.74
CA ASP B 219 26.15 7.45 -11.16
C ASP B 219 26.39 5.98 -11.42
N VAL B 220 25.78 5.12 -10.60
CA VAL B 220 25.96 3.69 -10.76
C VAL B 220 24.62 2.97 -10.52
N LEU B 221 24.20 2.17 -11.49
CA LEU B 221 22.95 1.42 -11.43
C LEU B 221 23.26 0.01 -11.00
N LEU B 222 22.50 -0.48 -10.01
CA LEU B 222 22.46 -1.90 -9.67
C LEU B 222 21.02 -2.41 -9.74
N THR B 223 20.85 -3.70 -10.05
CA THR B 223 19.54 -4.32 -10.15
C THR B 223 19.50 -5.68 -9.44
N PRO B 224 18.31 -6.08 -8.95
CA PRO B 224 18.22 -7.34 -8.19
C PRO B 224 18.72 -8.56 -8.98
N HIS B 225 18.41 -8.64 -10.27
CA HIS B 225 19.04 -9.59 -11.20
C HIS B 225 20.11 -8.79 -11.91
N PRO B 226 21.37 -9.06 -11.63
CA PRO B 226 22.45 -8.18 -12.11
C PRO B 226 22.53 -8.10 -13.63
N GLY B 227 22.13 -9.16 -14.33
CA GLY B 227 22.10 -9.19 -15.80
C GLY B 227 21.21 -8.13 -16.41
N ALA B 228 20.15 -7.73 -15.68
CA ALA B 228 19.24 -6.67 -16.14
C ALA B 228 19.91 -5.32 -16.33
N SER B 229 20.92 -5.01 -15.51
CA SER B 229 21.72 -3.79 -15.68
C SER B 229 23.13 -4.06 -16.29
N ASN B 230 23.34 -5.27 -16.83
CA ASN B 230 24.63 -5.69 -17.40
C ASN B 230 25.80 -5.78 -16.45
N TRP B 231 25.52 -6.02 -15.18
CA TRP B 231 26.54 -6.42 -14.23
C TRP B 231 26.90 -7.89 -14.47
N ASP B 232 28.16 -8.24 -14.17
CA ASP B 232 28.65 -9.62 -14.19
C ASP B 232 29.46 -9.82 -12.93
N TYR B 233 28.81 -10.30 -11.89
CA TYR B 233 29.44 -10.34 -10.58
C TYR B 233 30.63 -11.30 -10.51
N ALA B 234 30.65 -12.28 -11.40
CA ALA B 234 31.76 -13.23 -11.49
C ALA B 234 33.02 -12.65 -12.12
N ALA B 235 32.89 -11.48 -12.76
CA ALA B 235 34.02 -10.87 -13.50
C ALA B 235 34.99 -10.02 -12.67
N GLY B 236 34.92 -10.12 -11.35
CA GLY B 236 35.88 -9.48 -10.47
C GLY B 236 35.99 -7.98 -10.70
N ALA B 237 37.20 -7.56 -11.12
CA ALA B 237 37.53 -6.16 -11.27
C ALA B 237 36.72 -5.47 -12.37
N ARG B 238 36.20 -6.25 -13.30
CA ARG B 238 35.45 -5.72 -14.44
C ARG B 238 33.95 -6.10 -14.38
N ALA B 239 33.47 -6.39 -12.81
CA ALA B 239 32.05 -6.71 -12.60
C ALA B 239 31.13 -5.64 -13.12
N GLY B 240 31.45 -4.39 -12.84
CA GLY B 240 30.55 -3.27 -13.12
C GLY B 240 30.83 -2.49 -14.41
N ALA B 241 31.78 -2.95 -15.21
CA ALA B 241 32.31 -2.14 -16.33
C ALA B 241 31.24 -1.82 -17.35
N LYS B 242 30.47 -2.84 -17.70
CA LYS B 242 29.44 -2.75 -18.72
C LYS B 242 28.07 -2.32 -18.21
N ALA B 243 27.97 -1.91 -16.96
CA ALA B 243 26.64 -1.55 -16.39
C ALA B 243 25.99 -0.47 -17.23
N LEU B 244 24.68 -0.61 -17.40
CA LEU B 244 23.82 0.40 -18.02
C LEU B 244 23.67 1.58 -17.08
N THR B 245 23.34 2.74 -17.66
CA THR B 245 22.77 3.85 -16.93
C THR B 245 21.31 3.50 -16.60
N CYS B 246 20.75 4.22 -15.64
CA CYS B 246 19.32 4.13 -15.37
C CYS B 246 18.48 4.51 -16.58
N LYS B 247 18.92 5.54 -17.33
CA LYS B 247 18.23 5.92 -18.55
C LYS B 247 18.14 4.76 -19.54
N ALA B 248 19.26 4.06 -19.73
CA ALA B 248 19.36 2.99 -20.70
C ALA B 248 18.53 1.78 -20.27
N TYR B 249 18.58 1.47 -18.97
CA TYR B 249 17.80 0.39 -18.39
C TYR B 249 16.29 0.63 -18.59
N ALA B 250 15.83 1.84 -18.29
CA ALA B 250 14.42 2.17 -18.42
C ALA B 250 13.98 2.08 -19.87
N ASP B 251 14.84 2.58 -20.75
CA ASP B 251 14.55 2.61 -22.17
C ASP B 251 14.45 1.18 -22.71
N ALA B 252 15.37 0.29 -22.33
CA ALA B 252 15.32 -1.09 -22.77
C ALA B 252 14.10 -1.83 -22.21
N ALA B 253 13.79 -1.56 -20.96
CA ALA B 253 12.62 -2.17 -20.30
C ALA B 253 11.33 -1.72 -20.93
N GLU B 254 11.26 -0.45 -21.33
CA GLU B 254 10.06 0.10 -21.98
C GLU B 254 9.87 -0.51 -23.37
N GLN B 255 10.95 -0.59 -24.14
CA GLN B 255 10.92 -1.27 -25.44
C GLN B 255 10.44 -2.71 -25.34
N LYS B 256 11.01 -3.47 -24.40
CA LYS B 256 10.60 -4.87 -24.15
C LYS B 256 9.11 -4.95 -23.78
N PHE B 257 8.67 -4.04 -22.90
CA PHE B 257 7.29 -3.94 -22.47
C PHE B 257 6.35 -3.64 -23.63
N ASP B 258 6.72 -2.70 -24.51
CA ASP B 258 5.88 -2.40 -25.69
C ASP B 258 5.76 -3.59 -26.62
N GLY B 259 6.85 -4.33 -26.78
CA GLY B 259 6.86 -5.59 -27.51
C GLY B 259 5.90 -6.61 -26.93
N GLN B 260 5.96 -6.77 -25.61
CA GLN B 260 5.11 -7.71 -24.93
C GLN B 260 3.62 -7.28 -25.08
N LEU B 261 3.31 -5.98 -25.01
CA LEU B 261 1.93 -5.53 -25.18
C LEU B 261 1.42 -5.89 -26.58
N ALA B 262 2.25 -5.64 -27.59
CA ALA B 262 1.90 -5.96 -28.96
C ALA B 262 1.67 -7.48 -29.14
N LYS B 263 2.54 -8.31 -28.55
CA LYS B 263 2.41 -9.77 -28.64
C LYS B 263 1.16 -10.27 -27.92
N GLU B 264 0.82 -9.62 -26.80
CA GLU B 264 -0.39 -9.96 -26.06
C GLU B 264 -1.63 -9.64 -26.90
N THR B 265 -1.67 -8.44 -27.46
CA THR B 265 -2.69 -8.07 -28.42
C THR B 265 -2.84 -9.10 -29.55
N ALA B 266 -1.71 -9.59 -30.06
CA ALA B 266 -1.71 -10.54 -31.17
C ALA B 266 -2.16 -11.94 -30.73
N GLY B 267 -1.75 -12.34 -29.53
CA GLY B 267 -1.86 -13.71 -29.08
C GLY B 267 -3.18 -13.94 -28.44
CU CU C . -10.01 10.42 9.11
CU CU D . -13.36 11.12 9.89
CU CU E . -32.67 -4.25 -7.09
S SO4 F . -15.39 -10.43 -7.56
O1 SO4 F . -13.95 -10.26 -7.59
O2 SO4 F . -15.91 -10.02 -6.29
O3 SO4 F . -15.99 -9.59 -8.61
O4 SO4 F . -15.76 -11.80 -7.79
S SO4 G . -16.04 23.05 -14.81
O1 SO4 G . -15.32 23.19 -13.54
O2 SO4 G . -17.40 22.53 -14.55
O3 SO4 G . -16.02 24.36 -15.45
O4 SO4 G . -15.39 22.09 -15.71
S SO4 H . -33.57 13.87 -1.02
O1 SO4 H . -33.32 13.56 0.39
O2 SO4 H . -34.47 12.82 -1.55
O3 SO4 H . -34.22 15.19 -1.09
O4 SO4 H . -32.36 13.91 -1.84
S SO4 I . -40.43 1.56 -9.60
O1 SO4 I . -39.53 2.04 -8.57
O2 SO4 I . -40.63 0.15 -9.33
O3 SO4 I . -41.69 2.30 -9.54
O4 SO4 I . -39.85 1.80 -10.91
N1 PHN J . -30.73 -3.61 -8.09
C2 PHN J . -30.07 -2.49 -8.44
C3 PHN J . -28.81 -2.53 -9.05
C4 PHN J . -28.17 -3.75 -9.31
C4A PHN J . -28.81 -4.93 -8.97
C5 PHN J . -28.24 -6.18 -9.20
C6 PHN J . -28.90 -7.36 -8.84
C6A PHN J . -30.16 -7.32 -8.23
C7 PHN J . -30.84 -8.48 -7.87
C8 PHN J . -32.09 -8.37 -7.26
C9 PHN J . -32.67 -7.13 -7.02
N10 PHN J . -32.06 -5.97 -7.35
C10 PHN J . -30.85 -6.03 -7.94
C1A PHN J . -30.15 -4.80 -8.33
C1 GOL K . -39.57 20.34 -4.71
O1 GOL K . -40.87 19.88 -4.46
C2 GOL K . -38.78 20.82 -3.49
O2 GOL K . -38.34 22.12 -3.67
C3 GOL K . -37.52 19.98 -3.30
O3 GOL K . -36.75 20.40 -2.21
C1 GOL L . -11.73 20.66 -9.43
O1 GOL L . -12.19 21.89 -8.88
C2 GOL L . -10.75 19.84 -8.61
O2 GOL L . -10.70 20.36 -7.31
C3 GOL L . -9.33 19.79 -9.23
O3 GOL L . -9.22 18.77 -10.22
CU CU M . 10.05 -10.72 -8.93
CU CU N . 13.45 -11.68 -9.35
CU CU O . 32.88 5.57 5.73
S SO4 P . 15.24 8.21 9.89
O1 SO4 P . 15.61 8.48 11.27
O2 SO4 P . 13.81 8.42 9.69
O3 SO4 P . 15.96 9.05 8.92
O4 SO4 P . 15.52 6.82 9.61
S SO4 Q . 37.19 -2.36 4.55
O1 SO4 Q . 37.45 -3.55 3.77
O2 SO4 Q . 35.80 -2.31 5.02
O3 SO4 Q . 38.10 -2.40 5.69
O4 SO4 Q . 37.39 -1.22 3.66
N1 PHN R . 34.44 4.65 5.25
C2 PHN R . 35.20 5.24 4.33
C3 PHN R . 36.18 4.54 3.64
C4 PHN R . 36.40 3.18 3.89
C4A PHN R . 35.61 2.55 4.85
C5 PHN R . 35.78 1.19 5.15
C6 PHN R . 35.00 0.53 6.10
C6A PHN R . 34.01 1.21 6.81
C7 PHN R . 33.24 0.55 7.76
C8 PHN R . 32.26 1.25 8.45
C9 PHN R . 32.06 2.60 8.19
N10 PHN R . 32.78 3.27 7.28
C10 PHN R . 33.75 2.65 6.58
C1A PHN R . 34.58 3.34 5.56
#